data_1JXP
#
_entry.id   1JXP
#
_cell.length_a   96.960
_cell.length_b   96.960
_cell.length_c   167.100
_cell.angle_alpha   90.00
_cell.angle_beta   90.00
_cell.angle_gamma   120.00
#
_symmetry.space_group_name_H-M   'P 63 2 2'
#
loop_
_entity.id
_entity.type
_entity.pdbx_description
1 polymer 'NS3 SERINE PROTEASE'
2 polymer NS4A
3 non-polymer 'ZINC ION'
4 water water
#
loop_
_entity_poly.entity_id
_entity_poly.type
_entity_poly.pdbx_seq_one_letter_code
_entity_poly.pdbx_strand_id
1 'polypeptide(L)'
;APITAYSQQTRGLLGCIITSLTGRDKNQVEGEVQVVSTATQSFLATCVNGVCWTVYHGAGSKTLAGPKGPITQMYTNVDQ
DLVGWQAPPGARSLTPCTCGSSDLYLVTRHADVIPVRRRGDSRGSLLSPRPVSYLKGSSGGPLLCPSGHAVGIFRAAVCT
RGVAKAVDFVPVESMETTMRASKKKK
;
A,B
2 'polypeptide(L)' KGSVVIVGRIILSGRK C,D
#
# COMPACT_ATOMS: atom_id res chain seq x y z
N ILE A 3 -10.12 11.43 -17.56
CA ILE A 3 -9.45 10.19 -17.13
C ILE A 3 -8.74 10.44 -15.78
N THR A 4 -9.48 11.04 -14.85
CA THR A 4 -8.97 11.32 -13.51
C THR A 4 -9.70 10.29 -12.67
N ALA A 5 -9.35 10.21 -11.40
CA ALA A 5 -9.97 9.30 -10.45
C ALA A 5 -9.57 9.81 -9.08
N TYR A 6 -10.47 9.71 -8.11
CA TYR A 6 -10.16 10.16 -6.75
C TYR A 6 -10.64 9.15 -5.71
N SER A 7 -9.87 8.99 -4.64
CA SER A 7 -10.24 8.05 -3.58
C SER A 7 -11.40 8.57 -2.75
N GLN A 8 -12.01 7.71 -1.96
CA GLN A 8 -13.13 8.10 -1.10
C GLN A 8 -13.27 6.99 -0.09
N GLN A 9 -13.15 7.30 1.20
CA GLN A 9 -13.29 6.28 2.23
C GLN A 9 -14.71 6.26 2.63
N THR A 10 -15.20 5.08 2.95
CA THR A 10 -16.58 4.94 3.33
C THR A 10 -16.62 4.33 4.70
N ARG A 11 -15.46 3.95 5.23
CA ARG A 11 -15.49 3.28 6.50
C ARG A 11 -14.16 3.31 7.17
N GLY A 12 -14.16 3.25 8.49
CA GLY A 12 -12.90 3.21 9.21
C GLY A 12 -12.64 1.79 9.71
N LEU A 13 -11.57 1.56 10.47
CA LEU A 13 -11.27 0.22 10.95
C LEU A 13 -12.44 -0.48 11.69
N LEU A 14 -13.06 0.23 12.61
CA LEU A 14 -14.19 -0.24 13.39
C LEU A 14 -15.25 -0.73 12.43
N GLY A 15 -15.33 -0.02 11.31
CA GLY A 15 -16.25 -0.38 10.26
C GLY A 15 -15.85 -1.68 9.61
N CYS A 16 -14.58 -1.86 9.14
CA CYS A 16 -14.16 -3.13 8.52
C CYS A 16 -14.44 -4.22 9.54
N ILE A 17 -13.98 -4.05 10.78
CA ILE A 17 -14.16 -5.04 11.83
C ILE A 17 -15.58 -5.54 12.07
N ILE A 18 -16.53 -4.65 12.33
CA ILE A 18 -17.91 -5.05 12.57
C ILE A 18 -18.55 -5.60 11.30
N THR A 19 -18.19 -5.06 10.15
CA THR A 19 -18.76 -5.50 8.89
C THR A 19 -18.17 -6.80 8.37
N SER A 20 -17.03 -7.21 8.89
CA SER A 20 -16.41 -8.45 8.49
C SER A 20 -16.95 -9.56 9.40
N LEU A 21 -17.37 -9.17 10.60
CA LEU A 21 -17.92 -10.10 11.58
C LEU A 21 -19.35 -10.48 11.27
N THR A 22 -20.17 -9.46 11.07
CA THR A 22 -21.58 -9.63 10.76
C THR A 22 -21.76 -9.95 9.27
N GLY A 23 -20.70 -9.85 8.47
CA GLY A 23 -20.88 -10.11 7.06
C GLY A 23 -21.88 -9.20 6.36
N ARG A 24 -22.59 -8.32 7.10
CA ARG A 24 -23.59 -7.42 6.48
C ARG A 24 -23.13 -5.99 6.19
N ASP A 25 -23.30 -5.56 4.94
CA ASP A 25 -22.90 -4.24 4.48
C ASP A 25 -24.06 -3.43 3.91
N LYS A 26 -24.62 -2.55 4.72
CA LYS A 26 -25.74 -1.71 4.27
C LYS A 26 -25.28 -0.56 3.37
N ASN A 27 -23.97 -0.48 3.15
CA ASN A 27 -23.41 0.58 2.34
C ASN A 27 -23.63 0.52 0.83
N GLN A 28 -24.06 1.68 0.35
CA GLN A 28 -24.34 1.94 -1.05
C GLN A 28 -23.09 1.71 -1.88
N VAL A 29 -23.23 0.95 -2.96
CA VAL A 29 -22.11 0.67 -3.83
C VAL A 29 -22.12 1.69 -4.93
N GLU A 30 -21.00 2.39 -5.06
CA GLU A 30 -20.90 3.39 -6.08
C GLU A 30 -19.48 3.39 -6.60
N GLY A 31 -19.30 3.77 -7.84
CA GLY A 31 -17.96 3.80 -8.39
C GLY A 31 -17.82 2.81 -9.53
N GLU A 32 -16.78 2.00 -9.45
CA GLU A 32 -16.46 0.99 -10.45
C GLU A 32 -15.44 0.17 -9.70
N VAL A 33 -14.35 0.85 -9.32
CA VAL A 33 -13.25 0.28 -8.54
C VAL A 33 -13.56 0.50 -7.07
N GLN A 34 -13.43 -0.58 -6.29
CA GLN A 34 -13.72 -0.57 -4.88
C GLN A 34 -12.46 -0.87 -4.14
N VAL A 35 -12.32 -0.27 -2.98
CA VAL A 35 -11.18 -0.52 -2.15
C VAL A 35 -11.73 -1.52 -1.16
N VAL A 36 -11.08 -2.66 -1.07
CA VAL A 36 -11.58 -3.69 -0.18
C VAL A 36 -10.51 -4.12 0.77
N SER A 37 -10.94 -4.77 1.83
CA SER A 37 -9.99 -5.17 2.83
C SER A 37 -10.40 -6.45 3.57
N THR A 38 -9.40 -7.20 4.01
CA THR A 38 -9.59 -8.38 4.83
C THR A 38 -8.89 -7.98 6.12
N ALA A 39 -8.64 -8.91 7.02
CA ALA A 39 -7.96 -8.56 8.26
C ALA A 39 -6.43 -8.56 8.15
N THR A 40 -5.89 -8.90 6.98
CA THR A 40 -4.45 -8.95 6.84
C THR A 40 -3.82 -8.26 5.65
N GLN A 41 -4.65 -7.63 4.81
CA GLN A 41 -4.18 -6.89 3.67
C GLN A 41 -5.32 -6.13 3.02
N SER A 42 -5.02 -5.26 2.08
CA SER A 42 -6.06 -4.48 1.45
C SER A 42 -5.70 -4.43 -0.02
N PHE A 43 -6.69 -4.24 -0.88
CA PHE A 43 -6.44 -4.20 -2.32
C PHE A 43 -7.70 -3.67 -2.93
N LEU A 44 -7.82 -3.79 -4.24
CA LEU A 44 -8.97 -3.28 -4.95
C LEU A 44 -9.82 -4.36 -5.59
N ALA A 45 -10.96 -3.95 -6.11
CA ALA A 45 -11.87 -4.86 -6.77
C ALA A 45 -12.53 -4.03 -7.86
N THR A 46 -12.59 -4.58 -9.06
CA THR A 46 -13.21 -3.88 -10.17
C THR A 46 -14.50 -4.61 -10.53
N CYS A 47 -15.58 -3.87 -10.67
CA CYS A 47 -16.89 -4.42 -10.98
C CYS A 47 -17.13 -4.49 -12.50
N VAL A 48 -17.06 -5.66 -13.11
CA VAL A 48 -17.24 -5.77 -14.56
C VAL A 48 -18.37 -6.71 -14.99
N ASN A 49 -19.22 -6.26 -15.90
CA ASN A 49 -20.32 -7.09 -16.42
C ASN A 49 -21.22 -7.59 -15.34
N GLY A 50 -21.49 -6.74 -14.37
CA GLY A 50 -22.36 -7.13 -13.27
C GLY A 50 -21.71 -8.05 -12.23
N VAL A 51 -20.40 -8.29 -12.32
CA VAL A 51 -19.69 -9.14 -11.36
C VAL A 51 -18.46 -8.43 -10.74
N CYS A 52 -18.26 -8.58 -9.41
CA CYS A 52 -17.12 -7.98 -8.71
C CYS A 52 -15.84 -8.84 -8.79
N TRP A 53 -14.85 -8.42 -9.57
CA TRP A 53 -13.60 -9.18 -9.73
C TRP A 53 -12.48 -8.72 -8.81
N THR A 54 -11.68 -9.67 -8.33
CA THR A 54 -10.55 -9.30 -7.50
C THR A 54 -9.55 -10.44 -7.47
N VAL A 55 -8.38 -10.19 -6.92
CA VAL A 55 -7.35 -11.22 -6.88
C VAL A 55 -7.61 -12.29 -5.87
N TYR A 56 -7.35 -13.54 -6.25
CA TYR A 56 -7.54 -14.64 -5.33
C TYR A 56 -6.45 -14.51 -4.26
N HIS A 57 -5.33 -13.89 -4.60
CA HIS A 57 -4.28 -13.75 -3.61
C HIS A 57 -4.69 -12.84 -2.45
N GLY A 58 -5.52 -11.82 -2.71
CA GLY A 58 -5.94 -10.94 -1.65
C GLY A 58 -7.18 -11.52 -1.02
N ALA A 59 -8.12 -11.93 -1.86
CA ALA A 59 -9.40 -12.49 -1.40
C ALA A 59 -9.45 -13.91 -0.83
N GLY A 60 -8.87 -14.87 -1.56
CA GLY A 60 -8.94 -16.25 -1.13
C GLY A 60 -10.39 -16.65 -1.35
N SER A 61 -10.87 -17.60 -0.56
CA SER A 61 -12.24 -18.08 -0.70
C SER A 61 -13.28 -17.27 0.09
N LYS A 62 -12.85 -16.15 0.63
CA LYS A 62 -13.71 -15.31 1.45
C LYS A 62 -14.96 -14.79 0.79
N THR A 63 -15.91 -14.46 1.67
CA THR A 63 -17.22 -13.89 1.32
C THR A 63 -17.09 -12.37 1.26
N LEU A 64 -18.05 -11.72 0.62
CA LEU A 64 -18.07 -10.28 0.51
C LEU A 64 -19.25 -9.82 1.33
N ALA A 65 -19.02 -8.89 2.26
CA ALA A 65 -20.13 -8.39 3.06
C ALA A 65 -21.17 -7.80 2.09
N GLY A 66 -22.46 -8.10 2.27
CA GLY A 66 -23.45 -7.59 1.33
C GLY A 66 -24.64 -6.91 1.96
N PRO A 67 -25.57 -6.32 1.16
CA PRO A 67 -26.74 -5.62 1.73
C PRO A 67 -27.67 -6.48 2.56
N LYS A 68 -27.66 -7.79 2.30
CA LYS A 68 -28.50 -8.74 3.01
C LYS A 68 -27.76 -9.84 3.76
N GLY A 69 -26.44 -9.72 3.86
CA GLY A 69 -25.63 -10.71 4.55
C GLY A 69 -24.39 -11.01 3.70
N PRO A 70 -23.53 -11.98 4.07
CA PRO A 70 -22.33 -12.28 3.26
C PRO A 70 -22.58 -13.06 1.97
N ILE A 71 -21.95 -12.63 0.90
CA ILE A 71 -22.08 -13.27 -0.41
C ILE A 71 -21.01 -14.32 -0.71
N THR A 72 -21.41 -15.44 -1.29
CA THR A 72 -20.43 -16.45 -1.62
C THR A 72 -19.87 -16.14 -3.03
N GLN A 73 -18.59 -16.42 -3.22
CA GLN A 73 -17.98 -16.19 -4.52
C GLN A 73 -18.75 -17.05 -5.47
N MET A 74 -19.07 -16.49 -6.62
CA MET A 74 -19.83 -17.24 -7.60
C MET A 74 -18.87 -17.73 -8.69
N TYR A 75 -17.66 -17.17 -8.71
CA TYR A 75 -16.62 -17.54 -9.65
C TYR A 75 -15.29 -17.60 -8.88
N THR A 76 -14.44 -18.57 -9.19
CA THR A 76 -13.17 -18.68 -8.51
C THR A 76 -12.24 -19.45 -9.38
N ASN A 77 -11.05 -18.92 -9.58
CA ASN A 77 -10.07 -19.58 -10.40
C ASN A 77 -8.75 -19.36 -9.72
N VAL A 78 -8.41 -20.27 -8.82
CA VAL A 78 -7.18 -20.22 -8.04
C VAL A 78 -5.88 -20.11 -8.86
N ASP A 79 -5.87 -20.67 -10.06
CA ASP A 79 -4.64 -20.63 -10.86
C ASP A 79 -4.40 -19.31 -11.60
N GLN A 80 -5.48 -18.76 -12.15
CA GLN A 80 -5.41 -17.48 -12.83
C GLN A 80 -5.65 -16.30 -11.85
N ASP A 81 -5.45 -16.60 -10.55
CA ASP A 81 -5.58 -15.68 -9.42
C ASP A 81 -6.69 -14.62 -9.48
N LEU A 82 -7.89 -15.05 -9.81
CA LEU A 82 -9.02 -14.14 -9.92
C LEU A 82 -10.28 -14.78 -9.36
N VAL A 83 -11.09 -13.99 -8.66
CA VAL A 83 -12.34 -14.46 -8.08
C VAL A 83 -13.37 -13.36 -8.22
N GLY A 84 -14.64 -13.74 -8.15
CA GLY A 84 -15.72 -12.78 -8.27
C GLY A 84 -16.97 -13.17 -7.51
N TRP A 85 -17.71 -12.15 -7.04
CA TRP A 85 -18.97 -12.31 -6.32
C TRP A 85 -20.00 -11.60 -7.22
N GLN A 86 -21.22 -12.13 -7.33
CA GLN A 86 -22.22 -11.44 -8.15
C GLN A 86 -22.24 -10.02 -7.57
N ALA A 87 -22.23 -9.01 -8.42
CA ALA A 87 -22.24 -7.65 -7.89
C ALA A 87 -23.59 -7.42 -7.22
N PRO A 88 -23.58 -6.90 -5.98
CA PRO A 88 -24.82 -6.64 -5.25
C PRO A 88 -25.69 -5.69 -6.05
N PRO A 89 -26.99 -5.99 -6.12
CA PRO A 89 -27.96 -5.17 -6.86
C PRO A 89 -27.82 -3.71 -6.53
N GLY A 90 -27.48 -2.91 -7.54
CA GLY A 90 -27.32 -1.49 -7.37
C GLY A 90 -25.85 -1.18 -7.17
N ALA A 91 -25.03 -1.71 -8.08
CA ALA A 91 -23.57 -1.51 -8.08
C ALA A 91 -23.14 -1.23 -9.53
N ARG A 92 -22.37 -0.18 -9.73
CA ARG A 92 -21.94 0.20 -11.08
C ARG A 92 -20.97 -0.82 -11.66
N SER A 93 -20.99 -1.01 -12.98
CA SER A 93 -20.06 -1.96 -13.61
C SER A 93 -19.47 -1.49 -14.96
N LEU A 94 -18.16 -1.64 -15.10
CA LEU A 94 -17.44 -1.25 -16.30
C LEU A 94 -17.84 -2.08 -17.50
N THR A 95 -17.76 -1.47 -18.68
CA THR A 95 -18.05 -2.16 -19.92
C THR A 95 -16.68 -2.49 -20.54
N PRO A 96 -16.49 -3.74 -21.01
CA PRO A 96 -15.30 -4.34 -21.65
C PRO A 96 -14.72 -3.50 -22.77
N CYS A 97 -13.51 -3.82 -23.20
CA CYS A 97 -12.83 -3.04 -24.24
C CYS A 97 -12.93 -3.57 -25.63
N THR A 98 -11.96 -4.46 -25.92
CA THR A 98 -11.76 -5.09 -27.24
C THR A 98 -11.90 -4.01 -28.33
N CYS A 99 -10.86 -3.19 -28.46
CA CYS A 99 -10.84 -2.11 -29.47
C CYS A 99 -9.38 -1.93 -29.89
N GLY A 100 -8.58 -2.94 -29.55
CA GLY A 100 -7.17 -3.01 -29.91
C GLY A 100 -6.18 -2.02 -29.29
N SER A 101 -6.68 -0.94 -28.70
CA SER A 101 -5.81 0.07 -28.06
C SER A 101 -4.67 -0.53 -27.19
N SER A 102 -3.42 -0.14 -27.42
CA SER A 102 -2.31 -0.66 -26.60
C SER A 102 -2.03 0.29 -25.44
N ASP A 103 -2.65 1.48 -25.53
CA ASP A 103 -2.54 2.53 -24.51
C ASP A 103 -3.51 2.36 -23.35
N LEU A 104 -2.95 1.79 -22.29
CA LEU A 104 -3.77 1.50 -21.13
C LEU A 104 -3.35 2.32 -19.91
N TYR A 105 -4.35 2.57 -19.08
CA TYR A 105 -4.16 3.35 -17.87
C TYR A 105 -4.76 2.54 -16.72
N LEU A 106 -4.00 2.36 -15.64
CA LEU A 106 -4.50 1.63 -14.50
C LEU A 106 -4.73 2.53 -13.30
N VAL A 107 -5.85 2.32 -12.60
CA VAL A 107 -6.17 3.13 -11.43
C VAL A 107 -5.61 2.47 -10.15
N THR A 108 -4.70 3.12 -9.43
CA THR A 108 -4.15 2.54 -8.19
C THR A 108 -5.08 2.76 -7.00
N ARG A 109 -4.67 2.31 -5.82
CA ARG A 109 -5.53 2.50 -4.64
C ARG A 109 -5.73 3.93 -4.16
N HIS A 110 -4.94 4.86 -4.70
CA HIS A 110 -5.03 6.28 -4.31
C HIS A 110 -5.58 7.16 -5.44
N ALA A 111 -6.06 6.51 -6.50
CA ALA A 111 -6.62 7.20 -7.65
C ALA A 111 -5.59 7.81 -8.59
N ASP A 112 -4.42 7.21 -8.64
CA ASP A 112 -3.39 7.69 -9.54
C ASP A 112 -3.51 6.92 -10.85
N VAL A 113 -3.83 7.65 -11.90
CA VAL A 113 -4.00 7.08 -13.21
C VAL A 113 -2.67 6.93 -13.88
N ILE A 114 -2.03 5.80 -13.62
CA ILE A 114 -0.73 5.55 -14.21
C ILE A 114 -0.75 4.74 -15.53
N PRO A 115 -0.11 5.30 -16.56
CA PRO A 115 0.07 4.82 -17.94
C PRO A 115 0.91 3.55 -18.11
N VAL A 116 0.39 2.65 -18.94
CA VAL A 116 0.99 1.36 -19.27
C VAL A 116 0.69 1.06 -20.71
N ARG A 117 1.67 0.46 -21.37
CA ARG A 117 1.52 0.08 -22.77
C ARG A 117 1.31 -1.44 -22.80
N ARG A 118 0.28 -1.92 -23.47
CA ARG A 118 0.07 -3.36 -23.55
C ARG A 118 1.27 -4.04 -24.22
N ARG A 119 1.99 -4.85 -23.46
CA ARG A 119 3.19 -5.54 -23.95
C ARG A 119 2.96 -7.05 -23.91
N GLY A 120 1.86 -7.46 -24.51
CA GLY A 120 1.55 -8.86 -24.53
C GLY A 120 0.07 -9.07 -24.37
N ASP A 121 -0.26 -10.29 -23.98
CA ASP A 121 -1.64 -10.72 -23.81
C ASP A 121 -2.16 -10.45 -22.40
N SER A 122 -1.23 -10.39 -21.45
CA SER A 122 -1.58 -10.16 -20.07
C SER A 122 -0.48 -9.33 -19.45
N ARG A 123 0.29 -8.66 -20.29
CA ARG A 123 1.38 -7.85 -19.81
C ARG A 123 1.18 -6.45 -20.35
N GLY A 124 1.90 -5.52 -19.76
CA GLY A 124 1.80 -4.15 -20.17
C GLY A 124 3.03 -3.44 -19.67
N SER A 125 3.80 -2.89 -20.62
CA SER A 125 5.01 -2.14 -20.31
C SER A 125 4.64 -0.94 -19.43
N LEU A 126 5.43 -0.73 -18.38
CA LEU A 126 5.19 0.39 -17.49
C LEU A 126 6.06 1.54 -17.96
N LEU A 127 5.40 2.63 -18.37
CA LEU A 127 6.08 3.84 -18.88
C LEU A 127 7.08 4.45 -17.91
N SER A 128 6.62 4.88 -16.73
CA SER A 128 7.50 5.45 -15.70
C SER A 128 7.81 4.35 -14.65
N PRO A 129 8.83 3.49 -14.90
CA PRO A 129 9.19 2.43 -13.96
C PRO A 129 9.25 2.85 -12.48
N ARG A 130 8.10 2.81 -11.83
CA ARG A 130 7.95 3.15 -10.40
C ARG A 130 8.61 2.07 -9.56
N PRO A 131 8.89 2.37 -8.28
CA PRO A 131 9.50 1.29 -7.50
C PRO A 131 8.33 0.33 -7.25
N VAL A 132 8.63 -0.95 -7.01
CA VAL A 132 7.57 -1.94 -6.80
C VAL A 132 6.68 -1.61 -5.60
N SER A 133 7.29 -1.17 -4.49
CA SER A 133 6.54 -0.83 -3.29
C SER A 133 5.38 0.08 -3.66
N TYR A 134 5.58 0.91 -4.68
CA TYR A 134 4.56 1.84 -5.11
C TYR A 134 3.22 1.21 -5.45
N LEU A 135 3.25 0.05 -6.08
CA LEU A 135 2.03 -0.66 -6.52
C LEU A 135 1.27 -1.43 -5.41
N LYS A 136 1.98 -1.76 -4.33
CA LYS A 136 1.40 -2.49 -3.20
C LYS A 136 -0.03 -2.08 -2.78
N GLY A 137 -0.95 -3.04 -2.83
CA GLY A 137 -2.33 -2.74 -2.46
C GLY A 137 -3.14 -2.28 -3.64
N SER A 138 -2.58 -2.36 -4.83
CA SER A 138 -3.32 -1.97 -6.01
C SER A 138 -3.78 -3.13 -6.88
N SER A 139 -3.41 -4.38 -6.52
CA SER A 139 -3.85 -5.57 -7.28
C SER A 139 -5.36 -5.64 -7.19
N GLY A 140 -6.02 -5.99 -8.29
CA GLY A 140 -7.46 -6.12 -8.24
C GLY A 140 -8.07 -4.97 -8.97
N GLY A 141 -7.28 -3.93 -9.16
CA GLY A 141 -7.74 -2.75 -9.87
C GLY A 141 -7.71 -2.90 -11.38
N PRO A 142 -8.42 -2.02 -12.08
CA PRO A 142 -8.53 -2.02 -13.53
C PRO A 142 -7.43 -1.33 -14.31
N LEU A 143 -7.48 -1.59 -15.61
CA LEU A 143 -6.60 -1.05 -16.59
C LEU A 143 -7.65 -0.77 -17.61
N LEU A 144 -7.81 0.49 -17.98
CA LEU A 144 -8.82 0.87 -18.98
C LEU A 144 -8.16 1.22 -20.33
N CYS A 145 -8.94 1.23 -21.40
CA CYS A 145 -8.40 1.61 -22.71
C CYS A 145 -8.86 3.05 -22.82
N PRO A 146 -8.12 3.89 -23.57
CA PRO A 146 -8.45 5.31 -23.75
C PRO A 146 -9.93 5.75 -23.70
N SER A 147 -10.87 4.86 -23.98
CA SER A 147 -12.28 5.24 -23.89
C SER A 147 -12.86 4.99 -22.50
N GLY A 148 -12.04 4.53 -21.56
CA GLY A 148 -12.51 4.23 -20.20
C GLY A 148 -13.14 2.85 -19.95
N HIS A 149 -13.15 2.00 -20.98
CA HIS A 149 -13.69 0.64 -20.91
C HIS A 149 -12.61 -0.23 -20.30
N ALA A 150 -13.02 -1.34 -19.67
CA ALA A 150 -12.11 -2.28 -18.99
C ALA A 150 -11.30 -3.21 -19.88
N VAL A 151 -10.09 -3.59 -19.46
CA VAL A 151 -9.31 -4.52 -20.28
C VAL A 151 -8.78 -5.68 -19.45
N GLY A 152 -8.72 -5.49 -18.14
CA GLY A 152 -8.24 -6.53 -17.27
C GLY A 152 -8.11 -6.12 -15.83
N ILE A 153 -7.60 -7.01 -15.00
CA ILE A 153 -7.44 -6.72 -13.59
C ILE A 153 -5.97 -6.84 -13.23
N PHE A 154 -5.41 -5.76 -12.68
CA PHE A 154 -4.01 -5.76 -12.28
C PHE A 154 -3.84 -6.91 -11.32
N ARG A 155 -3.12 -7.92 -11.78
CA ARG A 155 -2.90 -9.11 -10.98
C ARG A 155 -1.64 -9.08 -10.12
N ALA A 156 -0.51 -8.67 -10.70
CA ALA A 156 0.72 -8.63 -9.93
C ALA A 156 1.75 -7.74 -10.59
N ALA A 157 2.95 -7.68 -10.03
CA ALA A 157 3.98 -6.82 -10.58
C ALA A 157 5.20 -7.57 -11.10
N VAL A 158 5.57 -7.22 -12.33
CA VAL A 158 6.74 -7.79 -12.99
C VAL A 158 7.89 -6.87 -12.55
N CYS A 159 8.49 -7.25 -11.42
CA CYS A 159 9.56 -6.50 -10.80
C CYS A 159 10.96 -7.04 -11.08
N THR A 160 11.91 -6.13 -11.28
CA THR A 160 13.28 -6.52 -11.52
C THR A 160 14.09 -5.94 -10.38
N ARG A 161 14.29 -6.79 -9.38
CA ARG A 161 15.02 -6.50 -8.16
C ARG A 161 14.92 -5.03 -7.72
N GLY A 162 13.71 -4.63 -7.35
CA GLY A 162 13.45 -3.28 -6.91
C GLY A 162 12.35 -2.64 -7.73
N VAL A 163 12.68 -2.29 -8.98
CA VAL A 163 11.76 -1.60 -9.89
C VAL A 163 10.77 -2.43 -10.72
N ALA A 164 9.56 -1.90 -10.82
CA ALA A 164 8.47 -2.50 -11.55
C ALA A 164 8.31 -1.91 -12.94
N LYS A 165 9.06 -2.41 -13.92
CA LYS A 165 8.93 -1.86 -15.26
C LYS A 165 7.86 -2.44 -16.19
N ALA A 166 6.89 -3.16 -15.62
CA ALA A 166 5.80 -3.74 -16.39
C ALA A 166 4.85 -4.47 -15.44
N VAL A 167 3.63 -4.75 -15.90
CA VAL A 167 2.65 -5.41 -15.07
C VAL A 167 1.93 -6.61 -15.71
N ASP A 168 1.40 -7.49 -14.86
CA ASP A 168 0.63 -8.65 -15.29
C ASP A 168 -0.87 -8.43 -14.94
N PHE A 169 -1.77 -8.68 -15.88
CA PHE A 169 -3.17 -8.52 -15.58
C PHE A 169 -3.99 -9.63 -16.20
N VAL A 170 -5.18 -9.83 -15.65
CA VAL A 170 -6.11 -10.84 -16.14
C VAL A 170 -6.84 -10.17 -17.31
N PRO A 171 -6.65 -10.69 -18.54
CA PRO A 171 -7.32 -10.13 -19.73
C PRO A 171 -8.80 -10.19 -19.46
N VAL A 172 -9.54 -9.22 -19.91
CA VAL A 172 -10.95 -9.27 -19.67
C VAL A 172 -11.50 -10.55 -20.34
N GLU A 173 -10.79 -11.03 -21.37
CA GLU A 173 -11.18 -12.25 -22.11
C GLU A 173 -11.13 -13.50 -21.25
N SER A 174 -10.17 -13.54 -20.35
CA SER A 174 -10.04 -14.67 -19.45
C SER A 174 -11.01 -14.55 -18.25
N MET A 175 -11.78 -13.48 -18.22
CA MET A 175 -12.79 -13.24 -17.18
C MET A 175 -14.12 -13.68 -17.77
N GLU A 176 -14.17 -13.72 -19.10
CA GLU A 176 -15.37 -14.11 -19.82
C GLU A 176 -15.39 -15.59 -20.15
N THR A 177 -14.22 -16.21 -20.35
CA THR A 177 -14.18 -17.67 -20.64
C THR A 177 -14.65 -18.40 -19.36
N THR A 178 -14.54 -17.70 -18.22
CA THR A 178 -14.93 -18.19 -16.89
C THR A 178 -16.36 -17.74 -16.54
N MET A 179 -17.08 -17.19 -17.53
CA MET A 179 -18.47 -16.75 -17.35
C MET A 179 -19.30 -17.50 -18.39
N GLY B 2 -13.94 -14.28 8.58
CA GLY B 2 -14.61 -12.99 8.37
C GLY B 2 -14.60 -12.53 6.95
N SER B 3 -15.63 -11.77 6.53
CA SER B 3 -15.74 -11.28 5.15
C SER B 3 -14.74 -10.22 4.69
N VAL B 4 -14.79 -9.96 3.38
CA VAL B 4 -13.99 -8.95 2.71
C VAL B 4 -14.97 -7.79 2.74
N VAL B 5 -14.45 -6.61 3.07
CA VAL B 5 -15.29 -5.42 3.16
C VAL B 5 -14.80 -4.26 2.29
N ILE B 6 -15.76 -3.58 1.70
CA ILE B 6 -15.51 -2.41 0.89
C ILE B 6 -15.32 -1.29 1.91
N VAL B 7 -14.13 -0.72 1.92
CA VAL B 7 -13.83 0.34 2.85
C VAL B 7 -13.70 1.66 2.12
N GLY B 8 -13.84 1.62 0.80
CA GLY B 8 -13.73 2.82 -0.01
C GLY B 8 -14.00 2.60 -1.49
N ARG B 9 -14.09 3.70 -2.25
CA ARG B 9 -14.33 3.63 -3.70
C ARG B 9 -13.36 4.49 -4.50
N ILE B 10 -13.27 4.25 -5.80
CA ILE B 10 -12.38 5.02 -6.68
C ILE B 10 -13.06 5.50 -7.95
N ILE B 11 -13.67 6.69 -7.90
CA ILE B 11 -14.38 7.27 -9.03
C ILE B 11 -13.56 7.68 -10.26
N LEU B 12 -13.89 7.06 -11.39
CA LEU B 12 -13.24 7.35 -12.66
C LEU B 12 -13.99 8.56 -13.25
N SER B 13 -13.55 9.06 -14.41
CA SER B 13 -14.24 10.19 -15.03
C SER B 13 -14.63 9.96 -16.50
N ILE C 3 24.25 -1.81 18.38
CA ILE C 3 22.96 -1.14 17.98
C ILE C 3 21.74 -2.01 18.26
N THR C 4 20.88 -1.56 19.16
CA THR C 4 19.66 -2.30 19.47
C THR C 4 18.52 -1.31 19.54
N ALA C 5 17.31 -1.78 19.23
CA ALA C 5 16.11 -0.98 19.26
C ALA C 5 15.05 -1.78 19.99
N TYR C 6 14.01 -1.12 20.47
CA TYR C 6 12.92 -1.80 21.15
C TYR C 6 11.62 -1.03 20.92
N SER C 7 10.54 -1.78 20.69
CA SER C 7 9.24 -1.20 20.41
C SER C 7 8.48 -0.82 21.66
N GLN C 8 7.49 0.03 21.49
CA GLN C 8 6.70 0.49 22.61
C GLN C 8 5.37 0.89 22.02
N GLN C 9 4.29 0.29 22.52
CA GLN C 9 2.97 0.60 22.02
C GLN C 9 2.41 1.80 22.79
N THR C 10 1.91 2.80 22.07
CA THR C 10 1.36 4.03 22.67
C THR C 10 -0.15 4.15 22.56
N ARG C 11 -0.79 3.33 21.70
CA ARG C 11 -2.25 3.39 21.52
C ARG C 11 -2.94 2.05 21.18
N GLY C 12 -4.16 1.87 21.69
CA GLY C 12 -4.92 0.66 21.43
C GLY C 12 -5.91 0.86 20.31
N LEU C 13 -6.95 0.04 20.24
CA LEU C 13 -7.91 0.20 19.17
C LEU C 13 -8.67 1.50 19.26
N LEU C 14 -9.36 1.73 20.38
CA LEU C 14 -10.15 2.97 20.61
C LEU C 14 -9.34 4.24 20.30
N GLY C 15 -8.08 4.25 20.75
CA GLY C 15 -7.17 5.35 20.51
C GLY C 15 -6.93 5.66 19.03
N CYS C 16 -6.48 4.70 18.18
CA CYS C 16 -6.24 5.00 16.75
C CYS C 16 -7.53 5.46 16.13
N ILE C 17 -8.63 4.81 16.45
CA ILE C 17 -9.85 5.18 15.77
C ILE C 17 -10.35 6.58 16.02
N ILE C 18 -10.32 7.01 17.27
CA ILE C 18 -10.74 8.37 17.64
C ILE C 18 -9.68 9.37 17.16
N THR C 19 -8.41 9.10 17.47
CA THR C 19 -7.31 9.96 17.03
C THR C 19 -7.19 10.03 15.51
N SER C 20 -7.82 9.12 14.78
CA SER C 20 -7.75 9.14 13.32
C SER C 20 -8.95 9.92 12.73
N LEU C 21 -10.06 9.90 13.45
CA LEU C 21 -11.29 10.59 13.06
C LEU C 21 -11.01 12.10 13.11
N THR C 22 -10.73 12.55 14.33
CA THR C 22 -10.45 13.95 14.65
C THR C 22 -9.13 14.46 14.06
N GLY C 23 -8.11 13.61 14.10
CA GLY C 23 -6.79 13.98 13.60
C GLY C 23 -6.05 14.77 14.66
N ARG C 24 -6.48 14.58 15.91
CA ARG C 24 -5.97 15.29 17.08
C ARG C 24 -5.18 14.34 17.97
N ASP C 25 -3.87 14.42 17.89
CA ASP C 25 -3.02 13.56 18.69
C ASP C 25 -2.22 14.46 19.63
N LYS C 26 -2.65 14.50 20.90
CA LYS C 26 -1.97 15.33 21.88
C LYS C 26 -0.98 14.48 22.63
N ASN C 27 -0.46 13.50 21.92
CA ASN C 27 0.52 12.61 22.51
C ASN C 27 1.88 13.14 22.19
N GLN C 28 2.77 13.12 23.17
CA GLN C 28 4.11 13.61 22.94
C GLN C 28 4.96 12.56 22.19
N VAL C 29 5.53 12.95 21.06
CA VAL C 29 6.33 12.04 20.26
C VAL C 29 7.70 11.79 20.89
N GLU C 30 8.17 10.54 20.87
CA GLU C 30 9.49 10.16 21.39
C GLU C 30 10.13 9.14 20.45
N GLY C 31 11.46 9.00 20.53
CA GLY C 31 12.21 8.09 19.67
C GLY C 31 12.27 8.61 18.24
N GLU C 32 13.13 8.03 17.43
CA GLU C 32 13.29 8.44 16.03
C GLU C 32 12.37 7.76 14.99
N VAL C 33 11.88 6.57 15.31
CA VAL C 33 10.98 5.90 14.37
C VAL C 33 9.55 5.64 14.93
N GLN C 34 8.55 6.07 14.18
CA GLN C 34 7.17 5.90 14.63
C GLN C 34 6.44 4.79 13.89
N VAL C 35 5.70 4.01 14.68
CA VAL C 35 4.86 2.94 14.21
C VAL C 35 3.54 3.65 13.94
N VAL C 36 3.19 3.76 12.66
CA VAL C 36 1.95 4.42 12.25
C VAL C 36 0.96 3.43 11.58
N SER C 37 -0.31 3.76 11.61
CA SER C 37 -1.31 2.88 11.06
C SER C 37 -2.42 3.70 10.49
N THR C 38 -3.12 3.11 9.54
CA THR C 38 -4.29 3.75 8.94
C THR C 38 -5.40 2.75 9.21
N ALA C 39 -6.55 2.97 8.61
CA ALA C 39 -7.66 2.06 8.78
C ALA C 39 -7.35 0.67 8.23
N THR C 40 -6.41 0.59 7.30
CA THR C 40 -6.09 -0.70 6.68
C THR C 40 -4.77 -1.32 7.10
N GLN C 41 -3.70 -0.65 6.71
CA GLN C 41 -2.36 -1.14 6.99
C GLN C 41 -1.79 -0.52 8.23
N SER C 42 -0.58 -0.94 8.55
CA SER C 42 0.15 -0.46 9.70
C SER C 42 1.59 -0.52 9.20
N PHE C 43 2.26 0.62 9.16
CA PHE C 43 3.62 0.65 8.65
C PHE C 43 4.52 1.42 9.61
N LEU C 44 5.64 1.96 9.12
CA LEU C 44 6.58 2.68 9.97
C LEU C 44 6.92 4.04 9.42
N ALA C 45 7.46 4.91 10.28
CA ALA C 45 7.88 6.25 9.84
C ALA C 45 9.19 6.65 10.51
N THR C 46 10.04 7.30 9.75
CA THR C 46 11.34 7.71 10.27
C THR C 46 11.56 9.21 10.08
N CYS C 47 11.98 9.88 11.15
CA CYS C 47 12.26 11.33 11.09
C CYS C 47 13.72 11.51 10.72
N VAL C 48 13.98 12.12 9.57
CA VAL C 48 15.38 12.38 9.20
C VAL C 48 15.51 13.88 9.00
N ASN C 49 16.34 14.51 9.84
CA ASN C 49 16.59 15.95 9.75
C ASN C 49 15.31 16.73 9.72
N GLY C 50 14.59 16.71 10.82
CA GLY C 50 13.33 17.44 10.91
C GLY C 50 12.04 17.00 10.21
N VAL C 51 12.06 15.89 9.48
CA VAL C 51 10.84 15.45 8.80
C VAL C 51 10.50 13.97 9.05
N CYS C 52 9.22 13.74 9.42
CA CYS C 52 8.69 12.41 9.70
C CYS C 52 8.41 11.79 8.33
N TRP C 53 9.31 10.93 7.88
CA TRP C 53 9.20 10.30 6.56
C TRP C 53 8.50 8.97 6.55
N THR C 54 7.91 8.65 5.40
CA THR C 54 7.23 7.39 5.23
C THR C 54 6.97 7.08 3.75
N VAL C 55 6.52 5.85 3.49
CA VAL C 55 6.21 5.42 2.14
C VAL C 55 4.79 5.85 1.74
N TYR C 56 4.71 6.40 0.56
CA TYR C 56 3.43 6.87 0.01
C TYR C 56 2.34 5.76 -0.15
N HIS C 57 2.71 4.50 -0.44
CA HIS C 57 1.69 3.45 -0.59
C HIS C 57 0.93 3.32 0.69
N GLY C 58 1.63 3.45 1.83
CA GLY C 58 0.95 3.36 3.10
C GLY C 58 0.14 4.62 3.38
N ALA C 59 0.81 5.77 3.40
CA ALA C 59 0.14 7.03 3.75
C ALA C 59 -0.77 7.73 2.74
N GLY C 60 -0.64 7.39 1.46
CA GLY C 60 -1.46 8.07 0.46
C GLY C 60 -1.11 9.55 0.53
N SER C 61 -2.09 10.37 0.88
CA SER C 61 -1.86 11.79 1.02
C SER C 61 -2.52 12.26 2.32
N LYS C 62 -2.80 11.30 3.18
CA LYS C 62 -3.43 11.56 4.47
C LYS C 62 -2.60 12.49 5.32
N THR C 63 -3.28 13.11 6.25
CA THR C 63 -2.63 14.02 7.15
C THR C 63 -2.17 13.15 8.30
N LEU C 64 -1.15 13.60 9.02
CA LEU C 64 -0.70 12.86 10.19
C LEU C 64 -1.53 13.45 11.32
N ALA C 65 -1.76 12.66 12.35
CA ALA C 65 -2.53 13.16 13.47
C ALA C 65 -1.60 13.99 14.33
N GLY C 66 -1.93 15.26 14.51
CA GLY C 66 -1.05 16.10 15.28
C GLY C 66 -1.65 16.81 16.46
N PRO C 67 -0.80 17.41 17.28
CA PRO C 67 -1.14 18.17 18.49
C PRO C 67 -2.03 19.38 18.19
N LYS C 68 -1.73 20.07 17.10
CA LYS C 68 -2.50 21.24 16.68
C LYS C 68 -3.68 20.74 15.84
N GLY C 69 -3.64 19.45 15.52
CA GLY C 69 -4.65 18.83 14.70
C GLY C 69 -3.95 18.14 13.54
N PRO C 70 -4.69 17.89 12.46
CA PRO C 70 -4.19 17.23 11.25
C PRO C 70 -3.09 18.03 10.60
N ILE C 71 -1.97 17.36 10.42
CA ILE C 71 -0.82 17.92 9.76
C ILE C 71 -0.80 17.48 8.30
N THR C 72 -1.16 18.38 7.42
CA THR C 72 -1.09 18.11 6.01
C THR C 72 0.40 17.93 5.76
N GLN C 73 0.76 16.98 4.89
CA GLN C 73 2.15 16.66 4.59
C GLN C 73 2.91 17.70 3.80
N MET C 74 4.23 17.73 4.01
CA MET C 74 5.07 18.72 3.33
C MET C 74 5.70 18.26 2.02
N TYR C 75 6.67 17.35 2.10
CA TYR C 75 7.34 16.87 0.89
C TYR C 75 6.66 15.62 0.34
N THR C 76 6.60 15.52 -0.98
CA THR C 76 5.90 14.40 -1.59
C THR C 76 6.44 13.94 -2.94
N ASN C 77 7.25 12.88 -2.92
CA ASN C 77 7.74 12.33 -4.17
C ASN C 77 7.09 10.98 -4.35
N VAL C 78 5.83 11.05 -4.79
CA VAL C 78 4.95 9.92 -5.05
C VAL C 78 5.62 8.90 -5.96
N ASP C 79 6.31 9.40 -6.99
CA ASP C 79 7.01 8.56 -7.94
C ASP C 79 8.19 7.81 -7.34
N GLN C 80 8.54 8.16 -6.13
CA GLN C 80 9.60 7.45 -5.46
C GLN C 80 8.93 6.79 -4.24
N ASP C 81 7.59 6.84 -4.24
CA ASP C 81 6.74 6.30 -3.17
C ASP C 81 7.13 6.95 -1.82
N LEU C 82 7.35 8.26 -1.84
CA LEU C 82 7.77 8.93 -0.62
C LEU C 82 6.94 10.10 -0.26
N VAL C 83 6.76 10.27 1.05
CA VAL C 83 6.06 11.41 1.62
C VAL C 83 6.66 11.57 3.00
N GLY C 84 6.43 12.74 3.58
CA GLY C 84 6.91 13.05 4.91
C GLY C 84 6.10 14.22 5.41
N TRP C 85 6.04 14.38 6.72
CA TRP C 85 5.31 15.51 7.31
C TRP C 85 6.33 16.26 8.18
N GLN C 86 6.05 17.54 8.40
CA GLN C 86 6.93 18.35 9.21
C GLN C 86 6.81 17.78 10.60
N ALA C 87 7.95 17.36 11.13
CA ALA C 87 8.03 16.77 12.46
C ALA C 87 7.21 17.49 13.53
N PRO C 88 6.53 16.70 14.38
CA PRO C 88 5.72 17.26 15.47
C PRO C 88 6.68 17.71 16.61
N PRO C 89 6.17 18.47 17.60
CA PRO C 89 7.01 18.93 18.71
C PRO C 89 7.81 17.78 19.36
N GLY C 90 9.02 18.10 19.80
CA GLY C 90 9.89 17.10 20.39
C GLY C 90 10.65 16.35 19.30
N ALA C 91 9.91 15.54 18.52
CA ALA C 91 10.43 14.70 17.42
C ALA C 91 11.95 14.59 17.18
N ARG C 92 12.58 13.57 17.78
CA ARG C 92 14.03 13.37 17.64
C ARG C 92 14.41 12.94 16.24
N SER C 93 14.86 13.87 15.40
CA SER C 93 15.27 13.49 14.04
C SER C 93 16.59 12.71 13.95
N LEU C 94 16.79 12.12 12.77
CA LEU C 94 17.99 11.33 12.46
C LEU C 94 18.84 12.19 11.54
N THR C 95 20.11 11.85 11.45
CA THR C 95 21.03 12.60 10.61
C THR C 95 21.33 11.76 9.37
N PRO C 96 21.58 12.39 8.20
CA PRO C 96 21.90 11.64 6.98
C PRO C 96 23.16 10.77 7.11
N CYS C 97 23.66 10.17 6.03
CA CYS C 97 24.79 9.27 6.22
C CYS C 97 26.16 9.65 6.76
N THR C 98 27.09 10.08 5.88
CA THR C 98 28.45 10.41 6.31
C THR C 98 29.06 9.09 6.79
N CYS C 99 29.91 8.48 5.97
CA CYS C 99 30.48 7.17 6.35
C CYS C 99 30.94 6.54 5.07
N GLY C 100 30.02 6.53 4.11
CA GLY C 100 30.27 5.90 2.83
C GLY C 100 30.04 4.41 2.99
N SER C 101 30.18 3.95 4.23
CA SER C 101 29.99 2.58 4.61
C SER C 101 28.88 1.96 3.83
N SER C 102 29.19 0.78 3.31
CA SER C 102 28.26 -0.01 2.53
C SER C 102 27.51 -0.99 3.47
N ASP C 103 27.85 -0.96 4.76
CA ASP C 103 27.23 -1.83 5.77
C ASP C 103 26.05 -1.22 6.49
N LEU C 104 24.86 -1.60 6.06
CA LEU C 104 23.63 -1.09 6.63
C LEU C 104 22.96 -2.10 7.51
N TYR C 105 21.90 -1.65 8.18
CA TYR C 105 21.07 -2.47 9.07
C TYR C 105 19.63 -1.99 8.83
N LEU C 106 18.70 -2.93 8.86
CA LEU C 106 17.29 -2.61 8.67
C LEU C 106 16.65 -2.81 10.04
N VAL C 107 15.77 -1.89 10.43
CA VAL C 107 15.09 -2.01 11.71
C VAL C 107 13.63 -2.27 11.37
N THR C 108 13.05 -3.27 12.00
CA THR C 108 11.66 -3.60 11.73
C THR C 108 10.72 -3.01 12.76
N ARG C 109 9.43 -3.16 12.48
CA ARG C 109 8.37 -2.68 13.37
C ARG C 109 8.36 -3.38 14.74
N HIS C 110 9.28 -4.33 14.94
CA HIS C 110 9.40 -5.10 16.19
C HIS C 110 10.78 -4.87 16.77
N ALA C 111 11.54 -3.98 16.13
CA ALA C 111 12.88 -3.65 16.57
C ALA C 111 13.91 -4.74 16.25
N ASP C 112 13.99 -5.14 14.99
CA ASP C 112 14.94 -6.15 14.53
C ASP C 112 16.04 -5.42 13.78
N VAL C 113 17.25 -5.46 14.33
CA VAL C 113 18.39 -4.80 13.70
C VAL C 113 18.98 -5.85 12.77
N ILE C 114 18.58 -5.81 11.51
CA ILE C 114 19.04 -6.79 10.54
C ILE C 114 19.91 -6.27 9.40
N PRO C 115 21.14 -6.79 9.32
CA PRO C 115 22.17 -6.47 8.34
C PRO C 115 21.73 -6.55 6.88
N VAL C 116 22.09 -5.49 6.16
CA VAL C 116 21.78 -5.34 4.75
C VAL C 116 23.12 -4.79 4.24
N ARG C 117 23.47 -5.11 2.99
CA ARG C 117 24.70 -4.61 2.38
C ARG C 117 24.36 -3.68 1.20
N ARG C 118 24.79 -2.43 1.30
CA ARG C 118 24.53 -1.42 0.29
C ARG C 118 24.84 -1.94 -1.08
N ARG C 119 23.83 -2.43 -1.77
CA ARG C 119 24.06 -3.00 -3.07
C ARG C 119 23.88 -2.04 -4.25
N GLY C 120 23.56 -0.78 -3.99
CA GLY C 120 23.38 0.16 -5.09
C GLY C 120 22.94 1.54 -4.63
N ASP C 121 22.28 2.31 -5.50
CA ASP C 121 21.80 3.61 -5.09
C ASP C 121 20.63 3.35 -4.15
N SER C 122 19.80 2.37 -4.50
CA SER C 122 18.64 1.99 -3.68
C SER C 122 18.52 0.49 -3.32
N ARG C 123 19.32 -0.36 -3.97
CA ARG C 123 19.32 -1.81 -3.74
C ARG C 123 20.12 -2.21 -2.48
N GLY C 124 19.85 -3.40 -1.94
CA GLY C 124 20.58 -3.82 -0.76
C GLY C 124 20.34 -5.27 -0.41
N SER C 125 21.42 -6.02 -0.24
CA SER C 125 21.34 -7.43 0.11
C SER C 125 21.11 -7.71 1.58
N LEU C 126 20.44 -8.81 1.87
CA LEU C 126 20.15 -9.22 3.24
C LEU C 126 21.11 -10.38 3.49
N LEU C 127 21.89 -10.33 4.56
CA LEU C 127 22.84 -11.41 4.78
C LEU C 127 22.21 -12.81 4.89
N SER C 128 21.10 -12.92 5.64
CA SER C 128 20.40 -14.19 5.77
C SER C 128 18.94 -13.97 5.39
N PRO C 129 18.48 -14.58 4.27
CA PRO C 129 17.07 -14.41 3.87
C PRO C 129 16.09 -14.98 4.91
N ARG C 130 14.93 -14.34 5.00
CA ARG C 130 13.83 -14.71 5.89
C ARG C 130 12.51 -14.67 5.10
N PRO C 131 11.39 -15.10 5.70
CA PRO C 131 10.12 -15.07 4.99
C PRO C 131 9.69 -13.64 4.80
N VAL C 132 8.95 -13.39 3.74
CA VAL C 132 8.50 -12.03 3.45
C VAL C 132 7.48 -11.50 4.46
N SER C 133 6.99 -12.40 5.31
CA SER C 133 6.06 -12.05 6.37
C SER C 133 6.87 -11.33 7.43
N TYR C 134 8.16 -11.57 7.43
CA TYR C 134 9.03 -10.97 8.43
C TYR C 134 9.10 -9.45 8.36
N LEU C 135 9.07 -8.96 7.12
CA LEU C 135 9.13 -7.55 6.83
C LEU C 135 7.77 -6.89 6.67
N LYS C 136 6.69 -7.64 6.86
CA LYS C 136 5.33 -7.06 6.75
C LYS C 136 5.15 -5.91 7.76
N GLY C 137 4.69 -4.75 7.28
CA GLY C 137 4.45 -3.61 8.16
C GLY C 137 5.70 -2.83 8.51
N SER C 138 6.74 -2.94 7.70
CA SER C 138 7.96 -2.22 7.99
C SER C 138 8.32 -1.16 6.98
N SER C 139 7.57 -1.01 5.90
CA SER C 139 7.95 0.03 4.95
C SER C 139 7.81 1.33 5.73
N GLY C 140 8.76 2.23 5.54
CA GLY C 140 8.74 3.49 6.26
C GLY C 140 9.91 3.42 7.25
N GLY C 141 10.32 2.21 7.61
CA GLY C 141 11.43 2.03 8.54
C GLY C 141 12.76 2.54 7.99
N PRO C 142 13.80 2.56 8.85
CA PRO C 142 15.15 3.02 8.53
C PRO C 142 16.20 2.01 8.10
N LEU C 143 17.09 2.48 7.26
CA LEU C 143 18.23 1.72 6.78
C LEU C 143 19.38 2.59 7.25
N LEU C 144 19.98 2.14 8.34
CA LEU C 144 21.07 2.82 9.00
C LEU C 144 22.47 2.40 8.57
N CYS C 145 23.46 3.12 9.08
CA CYS C 145 24.88 2.85 8.81
C CYS C 145 25.49 2.28 10.11
N PRO C 146 26.81 1.89 10.09
CA PRO C 146 27.40 1.33 11.33
C PRO C 146 27.20 2.19 12.58
N SER C 147 27.43 3.50 12.47
CA SER C 147 27.29 4.44 13.58
C SER C 147 25.85 4.86 13.91
N GLY C 148 24.90 4.33 13.13
CA GLY C 148 23.48 4.62 13.35
C GLY C 148 22.85 5.76 12.58
N HIS C 149 23.47 6.22 11.50
CA HIS C 149 22.88 7.33 10.74
C HIS C 149 21.87 6.89 9.70
N ALA C 150 20.93 7.77 9.44
CA ALA C 150 19.88 7.51 8.49
C ALA C 150 20.35 7.56 7.04
N VAL C 151 20.67 6.40 6.49
CA VAL C 151 21.09 6.36 5.08
C VAL C 151 19.92 6.14 4.11
N GLY C 152 18.84 5.54 4.60
CA GLY C 152 17.67 5.28 3.76
C GLY C 152 16.38 4.84 4.45
N ILE C 153 15.25 5.17 3.82
CA ILE C 153 13.88 4.83 4.29
C ILE C 153 13.46 3.58 3.48
N PHE C 154 13.32 2.45 4.20
CA PHE C 154 12.93 1.11 3.66
C PHE C 154 11.61 1.08 2.91
N ARG C 155 11.62 0.60 1.68
CA ARG C 155 10.41 0.58 0.90
C ARG C 155 9.65 -0.74 0.73
N ALA C 156 10.38 -1.83 0.46
CA ALA C 156 9.81 -3.17 0.20
C ALA C 156 10.91 -4.22 0.09
N ALA C 157 10.56 -5.48 0.34
CA ALA C 157 11.55 -6.54 0.22
C ALA C 157 11.60 -7.00 -1.24
N VAL C 158 12.72 -7.56 -1.65
CA VAL C 158 12.86 -8.07 -3.01
C VAL C 158 12.85 -9.53 -2.69
N CYS C 159 11.84 -10.22 -3.21
CA CYS C 159 11.65 -11.64 -2.91
C CYS C 159 11.16 -12.46 -4.09
N THR C 160 11.52 -13.73 -4.06
CA THR C 160 11.09 -14.71 -5.06
C THR C 160 10.78 -15.97 -4.23
N ARG C 161 9.64 -16.60 -4.55
CA ARG C 161 9.21 -17.80 -3.84
C ARG C 161 9.10 -17.62 -2.34
N GLY C 162 8.45 -16.53 -1.93
CA GLY C 162 8.25 -16.25 -0.52
C GLY C 162 9.50 -16.08 0.33
N VAL C 163 10.67 -16.01 -0.31
CA VAL C 163 11.92 -15.83 0.42
C VAL C 163 12.34 -14.42 0.06
N ALA C 164 12.61 -13.60 1.07
CA ALA C 164 13.07 -12.23 0.84
C ALA C 164 14.56 -12.25 1.13
N LYS C 165 15.33 -11.80 0.14
CA LYS C 165 16.79 -11.76 0.20
C LYS C 165 17.39 -10.36 -0.05
N ALA C 166 16.57 -9.41 -0.50
CA ALA C 166 17.03 -8.06 -0.78
C ALA C 166 15.96 -7.04 -0.39
N VAL C 167 16.36 -5.77 -0.32
CA VAL C 167 15.45 -4.68 0.02
C VAL C 167 15.54 -3.60 -1.05
N ASP C 168 14.51 -2.76 -1.13
CA ASP C 168 14.44 -1.63 -2.07
C ASP C 168 14.11 -0.42 -1.20
N PHE C 169 15.06 0.48 -1.00
CA PHE C 169 14.82 1.66 -0.17
C PHE C 169 15.10 2.93 -0.92
N VAL C 170 14.64 4.03 -0.36
CA VAL C 170 14.93 5.31 -0.95
C VAL C 170 16.09 5.81 -0.11
N PRO C 171 17.15 6.31 -0.77
CA PRO C 171 18.34 6.83 -0.09
C PRO C 171 18.09 8.16 0.62
N VAL C 172 18.83 8.39 1.72
CA VAL C 172 18.68 9.61 2.50
C VAL C 172 18.98 10.82 1.64
N GLU C 173 19.85 10.62 0.65
CA GLU C 173 20.24 11.67 -0.29
C GLU C 173 19.14 12.15 -1.26
N SER C 174 18.21 11.28 -1.66
CA SER C 174 17.14 11.71 -2.56
C SER C 174 16.04 12.37 -1.72
N MET C 175 16.04 12.07 -0.42
CA MET C 175 15.07 12.66 0.51
C MET C 175 15.39 14.16 0.54
N GLU C 176 16.68 14.47 0.74
CA GLU C 176 17.16 15.85 0.77
C GLU C 176 16.99 16.52 -0.58
N THR C 177 17.25 15.79 -1.66
CA THR C 177 17.06 16.35 -3.00
C THR C 177 15.59 16.79 -3.17
N THR C 178 14.70 16.24 -2.36
CA THR C 178 13.30 16.60 -2.42
C THR C 178 13.06 18.00 -1.89
N MET C 179 14.01 18.49 -1.09
CA MET C 179 13.92 19.83 -0.52
C MET C 179 14.93 20.76 -1.21
N GLY D 2 -9.75 10.69 7.22
CA GLY D 2 -9.12 9.60 7.94
C GLY D 2 -7.61 9.78 8.01
N SER D 3 -7.09 10.20 9.17
CA SER D 3 -5.64 10.48 9.35
C SER D 3 -4.71 9.35 9.80
N VAL D 4 -3.42 9.51 9.52
CA VAL D 4 -2.40 8.55 9.91
C VAL D 4 -2.06 8.78 11.39
N VAL D 5 -2.32 7.78 12.25
CA VAL D 5 -2.09 7.84 13.69
C VAL D 5 -0.85 7.10 14.14
N ILE D 6 -0.08 7.70 15.04
CA ILE D 6 1.13 7.07 15.58
C ILE D 6 0.57 6.18 16.69
N VAL D 7 0.88 4.90 16.64
CA VAL D 7 0.33 3.97 17.61
C VAL D 7 1.43 3.37 18.45
N GLY D 8 2.64 3.84 18.21
CA GLY D 8 3.79 3.35 18.94
C GLY D 8 5.07 3.83 18.29
N ARG D 9 6.20 3.46 18.87
CA ARG D 9 7.50 3.89 18.37
C ARG D 9 8.59 2.89 18.68
N ILE D 10 9.68 3.00 17.94
CA ILE D 10 10.82 2.14 18.16
C ILE D 10 11.93 3.06 18.64
N ILE D 11 12.34 2.88 19.89
CA ILE D 11 13.41 3.68 20.50
C ILE D 11 14.78 3.16 20.07
N LEU D 12 15.54 4.01 19.36
CA LEU D 12 16.86 3.68 18.83
C LEU D 12 18.03 3.83 19.82
N SER D 13 19.03 2.93 19.71
CA SER D 13 20.22 2.96 20.56
C SER D 13 21.26 1.96 20.08
#